data_7FQZ
#
_entry.id   7FQZ
#
_cell.length_a   89.550
_cell.length_b   89.550
_cell.length_c   106.450
_cell.angle_alpha   90.000
_cell.angle_beta   90.000
_cell.angle_gamma   120.000
#
_symmetry.space_group_name_H-M   'P 31 2 1'
#
loop_
_entity.id
_entity.type
_entity.pdbx_description
1 polymer 'Tyrosine-protein phosphatase non-receptor type 1'
2 non-polymer 2-AMINO-2-HYDROXYMETHYL-PROPANE-1,3-DIOL
3 non-polymer 5-fluoro-1,3-dihydro-2H-indol-2-one
4 water water
#
_entity_poly.entity_id   1
_entity_poly.type   'polypeptide(L)'
_entity_poly.pdbx_seq_one_letter_code
;MEMEKEFEQIDKSGSWAAIYQDIRHEASDFPSRVAKLPKNKNRNRYRDVSPFDHSRIKLHQEDNDYINASLIKMEEAQRS
YILTQGPLPNTVGHFWEMVWEQKSRGVVMLNRVMEKGSLKCAQYWPQKEEKEMIFEDTNLKLTLISEDIKSYYTVRQLEL
ENLTTQETREILHFHYTTWPDFGVPESPASFLNFLFKVRESGSLSPEHGPVVVHCSAGIGRSGTFCLADTCLLLMDKRKD
PSSVDIKKVLLEMRKFRMGLIQTADQLRFSYLAVIEGAKFIMGDSSVQDQWKELSHEDLEPPPEHIPPPPRPPKRILEPH
N
;
_entity_poly.pdbx_strand_id   A
#
loop_
_chem_comp.id
_chem_comp.type
_chem_comp.name
_chem_comp.formula
TRS non-polymer 2-AMINO-2-HYDROXYMETHYL-PROPANE-1,3-DIOL 'C4 H12 N O3 1'
WV0 non-polymer 5-fluoro-1,3-dihydro-2H-indol-2-one 'C8 H6 F N O'
#
# COMPACT_ATOMS: atom_id res chain seq x y z
N GLU A 2 -8.14 -21.84 -14.08
CA GLU A 2 -6.95 -21.87 -13.18
C GLU A 2 -5.85 -20.94 -13.71
N MET A 3 -5.37 -20.09 -12.82
CA MET A 3 -4.46 -18.96 -13.10
C MET A 3 -3.05 -19.44 -13.43
N GLU A 4 -2.65 -20.59 -12.86
CA GLU A 4 -1.33 -21.23 -13.11
C GLU A 4 -1.21 -21.53 -14.60
N LYS A 5 -2.27 -22.09 -15.19
CA LYS A 5 -2.28 -22.49 -16.63
C LYS A 5 -2.31 -21.22 -17.47
N GLU A 6 -3.11 -20.24 -17.05
CA GLU A 6 -3.18 -18.89 -17.68
C GLU A 6 -1.79 -18.22 -17.61
N PHE A 7 -1.03 -18.51 -16.54
CA PHE A 7 0.35 -17.97 -16.33
C PHE A 7 1.28 -18.50 -17.42
N GLU A 8 1.35 -19.83 -17.54
CA GLU A 8 2.19 -20.53 -18.56
C GLU A 8 1.82 -20.03 -19.95
N GLN A 9 0.52 -19.91 -20.24
CA GLN A 9 -0.04 -19.40 -21.52
C GLN A 9 0.53 -18.01 -21.82
N ILE A 10 0.37 -17.05 -20.92
CA ILE A 10 0.82 -15.64 -21.18
C ILE A 10 2.34 -15.65 -21.24
N ASP A 11 2.97 -16.47 -20.39
CA ASP A 11 4.44 -16.57 -20.27
C ASP A 11 5.02 -17.16 -21.56
N LYS A 12 4.59 -18.38 -21.92
CA LYS A 12 5.00 -19.08 -23.18
C LYS A 12 4.63 -18.26 -24.42
N SER A 13 3.53 -17.51 -24.41
CA SER A 13 3.16 -16.62 -25.55
C SER A 13 3.85 -15.25 -25.44
N GLY A 14 4.46 -14.91 -24.30
CA GLY A 14 5.02 -13.56 -23.98
C GLY A 14 4.02 -12.42 -24.17
N SER A 15 2.81 -12.52 -23.63
CA SER A 15 1.70 -11.57 -23.90
C SER A 15 1.48 -10.61 -22.71
N TRP A 16 2.45 -10.49 -21.78
CA TRP A 16 2.27 -9.71 -20.52
C TRP A 16 1.96 -8.27 -20.87
N ALA A 17 2.70 -7.65 -21.80
CA ALA A 17 2.47 -6.23 -22.20
C ALA A 17 1.04 -6.07 -22.74
N ALA A 18 0.52 -7.10 -23.42
CA ALA A 18 -0.81 -7.08 -24.08
C ALA A 18 -1.94 -7.20 -23.04
N ILE A 19 -1.84 -8.17 -22.14
CA ILE A 19 -2.80 -8.31 -21.00
C ILE A 19 -2.82 -6.96 -20.28
N TYR A 20 -1.65 -6.45 -19.89
CA TYR A 20 -1.55 -5.21 -19.08
C TYR A 20 -2.28 -4.08 -19.81
N GLN A 21 -2.04 -3.94 -21.11
CA GLN A 21 -2.66 -2.86 -21.91
C GLN A 21 -4.18 -3.03 -21.90
N ASP A 22 -4.70 -4.25 -21.92
CA ASP A 22 -6.18 -4.43 -21.85
C ASP A 22 -6.69 -3.90 -20.51
N ILE A 23 -5.92 -4.15 -19.44
CA ILE A 23 -6.25 -3.65 -18.08
C ILE A 23 -6.21 -2.12 -18.06
N ARG A 24 -5.16 -1.53 -18.61
CA ARG A 24 -5.01 -0.06 -18.68
C ARG A 24 -6.23 0.52 -19.38
N HIS A 25 -6.65 -0.15 -20.47
N HIS A 25 -6.69 -0.13 -20.44
CA HIS A 25 -7.76 0.27 -21.36
CA HIS A 25 -7.78 0.37 -21.32
C HIS A 25 -9.09 0.20 -20.58
C HIS A 25 -9.13 0.18 -20.63
N GLU A 26 -9.31 -0.90 -19.87
CA GLU A 26 -10.59 -1.20 -19.14
C GLU A 26 -10.75 -0.38 -17.85
N ALA A 27 -9.66 0.20 -17.33
CA ALA A 27 -9.59 0.78 -15.97
C ALA A 27 -10.43 2.06 -15.88
N SER A 28 -11.01 2.27 -14.71
CA SER A 28 -11.91 3.37 -14.34
C SER A 28 -11.16 4.68 -14.45
N ASP A 29 -11.88 5.73 -14.78
CA ASP A 29 -11.35 7.09 -14.70
C ASP A 29 -12.39 7.95 -14.00
N PHE A 30 -12.05 8.54 -12.87
CA PHE A 30 -13.03 9.33 -12.09
C PHE A 30 -12.40 10.69 -11.89
N PRO A 31 -13.20 11.71 -11.56
CA PRO A 31 -12.65 13.01 -11.29
C PRO A 31 -11.67 12.99 -10.10
N SER A 32 -10.65 13.84 -10.21
N SER A 32 -10.64 13.83 -10.19
CA SER A 32 -9.62 14.15 -9.17
CA SER A 32 -9.68 14.13 -9.10
C SER A 32 -9.50 15.68 -9.02
C SER A 32 -9.52 15.64 -9.01
N ARG A 33 -10.61 16.35 -8.71
CA ARG A 33 -10.66 17.84 -8.74
C ARG A 33 -9.96 18.39 -7.51
N VAL A 34 -10.19 17.81 -6.35
CA VAL A 34 -9.50 18.37 -5.14
C VAL A 34 -7.97 18.29 -5.30
N ALA A 35 -7.42 17.23 -5.88
CA ALA A 35 -5.96 17.01 -5.99
C ALA A 35 -5.36 18.12 -6.88
N LYS A 36 -6.10 18.61 -7.87
CA LYS A 36 -5.56 19.57 -8.89
C LYS A 36 -5.76 21.04 -8.45
N LEU A 37 -6.47 21.33 -7.37
CA LEU A 37 -6.54 22.71 -6.82
C LEU A 37 -5.11 23.24 -6.66
N PRO A 38 -4.83 24.48 -7.13
CA PRO A 38 -3.54 25.14 -6.90
C PRO A 38 -2.96 25.12 -5.47
N LYS A 39 -3.78 25.32 -4.44
CA LYS A 39 -3.37 25.23 -3.03
C LYS A 39 -2.91 23.80 -2.64
N ASN A 40 -2.94 22.81 -3.52
CA ASN A 40 -2.65 21.40 -3.14
C ASN A 40 -1.45 20.97 -3.97
N LYS A 41 -0.91 21.84 -4.80
CA LYS A 41 0.20 21.45 -5.70
C LYS A 41 1.38 20.88 -4.88
N ASN A 42 1.74 21.51 -3.76
CA ASN A 42 2.92 21.10 -2.98
C ASN A 42 2.58 19.99 -1.95
N ARG A 43 1.28 19.78 -1.69
CA ARG A 43 0.79 18.65 -0.86
C ARG A 43 0.84 17.41 -1.74
N ASN A 44 1.04 17.63 -3.04
CA ASN A 44 1.02 16.56 -4.07
C ASN A 44 2.47 16.29 -4.51
N ARG A 45 2.90 15.04 -4.37
CA ARG A 45 4.19 14.55 -4.89
C ARG A 45 4.14 14.62 -6.41
N TYR A 46 5.03 15.40 -7.06
CA TYR A 46 5.07 15.51 -8.54
C TYR A 46 5.36 14.13 -9.13
N ARG A 47 4.85 13.85 -10.33
CA ARG A 47 5.01 12.56 -11.06
C ARG A 47 4.43 11.40 -10.23
N ASP A 48 3.46 11.68 -9.34
CA ASP A 48 2.70 10.64 -8.57
C ASP A 48 1.22 10.76 -8.92
N VAL A 49 0.48 9.65 -8.82
CA VAL A 49 -0.98 9.57 -9.10
C VAL A 49 -1.71 10.53 -8.15
N SER A 50 -2.81 11.10 -8.62
CA SER A 50 -3.74 11.95 -7.83
C SER A 50 -4.90 11.07 -7.35
N PRO A 51 -5.40 11.27 -6.10
CA PRO A 51 -6.52 10.46 -5.60
C PRO A 51 -7.84 10.87 -6.26
N PHE A 52 -8.69 9.91 -6.60
CA PHE A 52 -10.06 10.22 -7.09
C PHE A 52 -10.77 10.94 -5.93
N ASP A 53 -11.65 11.89 -6.23
CA ASP A 53 -12.41 12.62 -5.19
C ASP A 53 -13.27 11.64 -4.36
N HIS A 54 -13.83 10.59 -4.97
CA HIS A 54 -14.85 9.76 -4.32
C HIS A 54 -14.22 8.86 -3.23
N SER A 55 -12.96 8.46 -3.37
CA SER A 55 -12.32 7.49 -2.43
C SER A 55 -11.18 8.20 -1.63
N ARG A 56 -11.06 9.53 -1.68
CA ARG A 56 -9.89 10.22 -1.09
C ARG A 56 -10.07 10.26 0.42
N ILE A 57 -8.98 10.14 1.18
CA ILE A 57 -8.98 10.32 2.66
C ILE A 57 -8.99 11.81 2.94
N LYS A 58 -9.88 12.24 3.82
CA LYS A 58 -9.92 13.64 4.23
C LYS A 58 -9.26 13.76 5.58
N LEU A 59 -8.36 14.71 5.75
CA LEU A 59 -7.87 15.11 7.10
C LEU A 59 -8.97 15.87 7.85
N HIS A 60 -9.08 15.72 9.18
CA HIS A 60 -10.04 16.49 10.05
C HIS A 60 -9.34 17.78 10.51
N GLN A 61 -8.81 18.60 9.61
CA GLN A 61 -8.28 19.95 9.90
C GLN A 61 -9.19 20.87 9.05
N GLU A 62 -9.71 21.95 9.65
CA GLU A 62 -10.77 22.81 9.03
C GLU A 62 -10.16 23.56 7.84
N ASP A 63 -8.85 23.84 7.96
CA ASP A 63 -8.03 24.61 6.99
C ASP A 63 -8.12 23.92 5.62
N ASN A 64 -7.29 22.90 5.41
CA ASN A 64 -7.10 22.15 4.14
C ASN A 64 -7.17 20.66 4.45
N ASP A 65 -8.16 19.94 3.90
CA ASP A 65 -8.43 18.55 4.36
C ASP A 65 -7.65 17.56 3.49
N TYR A 66 -6.78 18.05 2.60
CA TYR A 66 -6.25 17.23 1.49
C TYR A 66 -4.96 16.46 1.91
N ILE A 67 -4.95 15.18 1.52
CA ILE A 67 -3.71 14.36 1.46
C ILE A 67 -3.85 13.46 0.25
N ASN A 68 -2.73 13.18 -0.38
CA ASN A 68 -2.68 12.20 -1.46
C ASN A 68 -2.79 10.79 -0.87
N ALA A 69 -4.01 10.35 -0.64
CA ALA A 69 -4.30 9.05 -0.01
C ALA A 69 -5.72 8.62 -0.45
N SER A 70 -5.90 7.33 -0.71
CA SER A 70 -7.16 6.71 -1.18
C SER A 70 -7.52 5.53 -0.26
N LEU A 71 -8.80 5.35 0.03
CA LEU A 71 -9.39 4.15 0.69
C LEU A 71 -9.81 3.15 -0.38
N ILE A 72 -9.19 1.97 -0.38
N ILE A 72 -9.11 2.01 -0.44
CA ILE A 72 -9.55 0.80 -1.23
CA ILE A 72 -9.51 0.81 -1.21
C ILE A 72 -10.38 -0.17 -0.39
C ILE A 72 -10.43 0.00 -0.28
N LYS A 73 -11.67 -0.27 -0.70
CA LYS A 73 -12.65 -1.09 0.07
C LYS A 73 -12.96 -2.35 -0.73
N MET A 74 -12.46 -3.53 -0.32
CA MET A 74 -12.74 -4.81 -1.02
C MET A 74 -13.86 -5.51 -0.21
N GLU A 75 -15.10 -5.29 -0.64
CA GLU A 75 -16.36 -5.71 0.00
C GLU A 75 -16.41 -7.22 0.30
N GLU A 76 -16.22 -8.07 -0.71
CA GLU A 76 -16.27 -9.54 -0.49
C GLU A 76 -15.23 -9.89 0.60
N ALA A 77 -13.96 -9.54 0.39
CA ALA A 77 -12.81 -9.95 1.23
C ALA A 77 -12.88 -9.28 2.61
N GLN A 78 -13.76 -8.29 2.80
CA GLN A 78 -13.92 -7.55 4.07
C GLN A 78 -12.57 -6.94 4.47
N ARG A 79 -11.81 -6.45 3.48
CA ARG A 79 -10.46 -5.87 3.66
C ARG A 79 -10.54 -4.42 3.16
N SER A 80 -9.97 -3.50 3.93
N SER A 80 -9.95 -3.49 3.89
CA SER A 80 -9.75 -2.09 3.51
CA SER A 80 -9.78 -2.09 3.44
C SER A 80 -8.24 -1.79 3.54
C SER A 80 -8.33 -1.64 3.65
N TYR A 81 -7.81 -0.87 2.68
CA TYR A 81 -6.41 -0.38 2.67
C TYR A 81 -6.45 1.09 2.34
N ILE A 82 -5.57 1.86 2.98
CA ILE A 82 -5.24 3.22 2.54
C ILE A 82 -3.94 3.13 1.78
N LEU A 83 -3.97 3.61 0.56
CA LEU A 83 -2.78 3.73 -0.27
C LEU A 83 -2.45 5.21 -0.40
N THR A 84 -1.18 5.55 -0.20
CA THR A 84 -0.73 6.94 -0.11
C THR A 84 0.65 7.02 -0.77
N GLN A 85 1.03 8.24 -1.08
CA GLN A 85 2.39 8.51 -1.60
C GLN A 85 3.35 8.48 -0.40
N GLY A 86 4.61 8.27 -0.65
CA GLY A 86 5.65 8.54 0.35
C GLY A 86 5.56 9.99 0.78
N PRO A 87 5.48 10.30 2.09
CA PRO A 87 5.37 11.67 2.51
C PRO A 87 6.54 12.53 1.98
N LEU A 88 6.20 13.76 1.76
CA LEU A 88 7.10 14.90 1.50
C LEU A 88 7.51 15.54 2.83
N PRO A 89 8.64 16.25 2.82
CA PRO A 89 9.12 17.02 3.99
C PRO A 89 7.97 17.85 4.57
N ASN A 90 7.09 18.36 3.73
CA ASN A 90 6.02 19.27 4.23
C ASN A 90 4.72 18.50 4.54
N THR A 91 4.61 17.20 4.28
CA THR A 91 3.37 16.43 4.57
C THR A 91 3.61 15.34 5.62
N VAL A 92 4.78 15.29 6.28
CA VAL A 92 5.05 14.24 7.31
C VAL A 92 4.02 14.39 8.41
N GLY A 93 3.72 15.62 8.82
CA GLY A 93 2.74 15.85 9.90
C GLY A 93 1.36 15.39 9.49
N HIS A 94 1.00 15.63 8.22
CA HIS A 94 -0.32 15.21 7.64
C HIS A 94 -0.46 13.70 7.63
N PHE A 95 0.64 13.04 7.25
CA PHE A 95 0.69 11.55 7.19
C PHE A 95 0.33 11.00 8.56
N TRP A 96 0.99 11.51 9.62
CA TRP A 96 0.77 10.93 10.96
C TRP A 96 -0.63 11.34 11.47
N GLU A 97 -1.12 12.50 11.09
CA GLU A 97 -2.52 12.88 11.42
C GLU A 97 -3.47 11.86 10.79
N MET A 98 -3.23 11.49 9.53
CA MET A 98 -4.10 10.52 8.84
C MET A 98 -4.04 9.20 9.61
N VAL A 99 -2.84 8.72 9.97
CA VAL A 99 -2.69 7.45 10.75
C VAL A 99 -3.53 7.53 12.05
N TRP A 100 -3.38 8.63 12.76
CA TRP A 100 -4.12 8.86 14.00
C TRP A 100 -5.64 8.82 13.72
N GLU A 101 -6.11 9.69 12.83
CA GLU A 101 -7.58 9.89 12.60
C GLU A 101 -8.25 8.63 12.04
N GLN A 102 -7.56 7.82 11.24
CA GLN A 102 -8.16 6.57 10.68
C GLN A 102 -7.99 5.35 11.61
N LYS A 103 -7.29 5.45 12.76
CA LYS A 103 -7.11 4.35 13.75
C LYS A 103 -6.37 3.17 13.19
N SER A 104 -5.48 3.41 12.23
CA SER A 104 -4.56 2.42 11.67
C SER A 104 -3.65 1.87 12.76
N ARG A 105 -3.36 0.58 12.67
CA ARG A 105 -2.41 -0.13 13.57
C ARG A 105 -1.07 -0.29 12.85
N GLY A 106 -1.09 -0.45 11.53
CA GLY A 106 0.10 -0.81 10.71
C GLY A 106 0.39 0.24 9.67
N VAL A 107 1.66 0.47 9.41
CA VAL A 107 2.18 1.20 8.22
C VAL A 107 3.10 0.25 7.46
N VAL A 108 2.83 0.05 6.18
CA VAL A 108 3.61 -0.84 5.30
C VAL A 108 4.37 0.03 4.28
N MET A 109 5.70 -0.06 4.27
CA MET A 109 6.60 0.74 3.42
C MET A 109 7.37 -0.23 2.53
N LEU A 110 7.27 -0.09 1.23
CA LEU A 110 7.81 -1.04 0.24
C LEU A 110 8.98 -0.38 -0.54
N ASN A 111 9.55 0.71 -0.05
CA ASN A 111 10.69 1.39 -0.74
C ASN A 111 11.79 1.73 0.28
N ARG A 112 13.01 2.01 -0.18
CA ARG A 112 14.08 2.61 0.63
C ARG A 112 13.91 4.12 0.51
N VAL A 113 14.44 4.86 1.48
CA VAL A 113 14.32 6.34 1.54
C VAL A 113 15.09 6.93 0.35
N MET A 114 16.17 6.25 -0.08
CA MET A 114 16.95 6.60 -1.29
C MET A 114 17.01 5.39 -2.23
N GLU A 115 16.59 5.57 -3.48
CA GLU A 115 16.73 4.55 -4.54
C GLU A 115 17.20 5.31 -5.78
N LYS A 116 18.08 4.69 -6.57
CA LYS A 116 18.63 5.32 -7.80
C LYS A 116 19.20 6.71 -7.52
N GLY A 117 19.88 6.90 -6.38
CA GLY A 117 20.52 8.15 -5.98
C GLY A 117 19.61 9.34 -5.79
N SER A 118 18.29 9.15 -5.66
CA SER A 118 17.30 10.23 -5.35
C SER A 118 16.48 9.85 -4.12
N LEU A 119 15.90 10.85 -3.46
CA LEU A 119 15.02 10.61 -2.28
C LEU A 119 13.62 10.27 -2.80
N LYS A 120 13.15 9.06 -2.51
CA LYS A 120 11.83 8.55 -2.89
C LYS A 120 10.80 8.91 -1.81
N CYS A 121 11.27 9.45 -0.69
CA CYS A 121 10.46 9.60 0.50
C CYS A 121 11.20 10.32 1.62
N ALA A 122 10.54 11.18 2.38
CA ALA A 122 11.10 11.76 3.60
C ALA A 122 11.29 10.66 4.66
N GLN A 123 12.29 10.88 5.50
CA GLN A 123 12.58 10.14 6.73
C GLN A 123 11.50 10.54 7.72
N TYR A 124 10.40 9.78 7.84
CA TYR A 124 9.19 10.26 8.57
C TYR A 124 9.05 9.55 9.91
N TRP A 125 10.03 8.71 10.27
CA TRP A 125 10.02 8.07 11.61
C TRP A 125 11.39 8.28 12.27
N PRO A 126 11.51 8.21 13.61
CA PRO A 126 12.78 8.47 14.29
C PRO A 126 13.74 7.29 14.18
N GLN A 127 15.04 7.56 14.16
CA GLN A 127 16.06 6.51 13.93
C GLN A 127 16.62 6.02 15.25
N LYS A 128 16.39 6.76 16.33
CA LYS A 128 16.91 6.33 17.65
C LYS A 128 15.83 6.53 18.68
N GLU A 129 15.83 5.67 19.68
CA GLU A 129 14.89 5.72 20.82
C GLU A 129 14.85 7.10 21.44
N GLU A 130 16.03 7.69 21.69
CA GLU A 130 16.18 8.89 22.57
C GLU A 130 15.98 10.18 21.74
N LYS A 131 15.74 10.08 20.41
CA LYS A 131 15.49 11.29 19.57
C LYS A 131 14.09 11.20 18.95
N GLU A 132 13.07 11.56 19.67
CA GLU A 132 11.67 11.45 19.21
C GLU A 132 11.39 12.61 18.24
N MET A 133 10.32 12.54 17.43
CA MET A 133 9.95 13.62 16.46
C MET A 133 8.67 14.25 16.95
N ILE A 134 8.61 15.57 16.88
CA ILE A 134 7.39 16.34 17.20
C ILE A 134 6.94 17.00 15.89
N PHE A 135 5.68 16.86 15.52
CA PHE A 135 5.09 17.51 14.33
C PHE A 135 4.25 18.65 14.88
N GLU A 136 4.77 19.86 14.79
CA GLU A 136 4.12 21.03 15.48
C GLU A 136 2.83 21.38 14.73
N ASP A 137 2.84 21.28 13.40
CA ASP A 137 1.61 21.55 12.59
C ASP A 137 0.49 20.62 13.06
N THR A 138 0.72 19.35 13.42
CA THR A 138 -0.46 18.50 13.72
C THR A 138 -0.50 18.06 15.17
N ASN A 139 0.43 18.53 16.00
CA ASN A 139 0.33 18.34 17.46
C ASN A 139 0.46 16.87 17.83
N LEU A 140 1.45 16.21 17.24
CA LEU A 140 1.68 14.77 17.46
C LEU A 140 3.16 14.59 17.81
N LYS A 141 3.42 13.57 18.59
CA LYS A 141 4.77 13.12 18.93
C LYS A 141 4.89 11.65 18.59
N LEU A 142 6.04 11.31 18.04
CA LEU A 142 6.35 9.93 17.59
C LEU A 142 7.68 9.49 18.21
N THR A 143 7.71 8.33 18.86
CA THR A 143 8.92 7.72 19.48
C THR A 143 9.18 6.32 18.94
N LEU A 144 10.42 6.01 18.64
CA LEU A 144 10.84 4.66 18.32
C LEU A 144 10.94 3.88 19.64
N ILE A 145 10.19 2.80 19.77
CA ILE A 145 10.11 1.94 20.99
C ILE A 145 11.12 0.81 20.78
N SER A 146 11.15 0.25 19.59
CA SER A 146 11.98 -0.92 19.29
C SER A 146 12.02 -1.13 17.77
N GLU A 147 13.05 -1.82 17.34
CA GLU A 147 13.41 -2.03 15.93
C GLU A 147 13.94 -3.45 15.85
N ASP A 148 13.42 -4.24 14.92
CA ASP A 148 13.76 -5.67 14.69
C ASP A 148 14.23 -5.81 13.24
N ILE A 149 15.55 -5.79 13.01
CA ILE A 149 16.12 -5.79 11.64
C ILE A 149 16.36 -7.22 11.23
N LYS A 150 15.72 -7.63 10.14
CA LYS A 150 15.84 -8.95 9.47
C LYS A 150 16.54 -8.76 8.12
N SER A 151 16.79 -9.86 7.41
CA SER A 151 17.49 -9.89 6.12
C SER A 151 16.72 -9.09 5.07
N TYR A 152 15.39 -9.31 4.99
CA TYR A 152 14.53 -8.84 3.87
C TYR A 152 13.62 -7.69 4.32
N TYR A 153 13.43 -7.50 5.63
CA TYR A 153 12.53 -6.45 6.18
C TYR A 153 12.86 -6.13 7.64
N THR A 154 12.42 -4.95 8.07
CA THR A 154 12.55 -4.46 9.43
C THR A 154 11.13 -4.17 9.95
N VAL A 155 10.88 -4.51 11.20
CA VAL A 155 9.61 -4.18 11.92
C VAL A 155 9.96 -3.23 13.06
N ARG A 156 9.29 -2.08 13.15
CA ARG A 156 9.52 -1.09 14.20
C ARG A 156 8.23 -0.94 14.99
N GLN A 157 8.36 -0.84 16.31
CA GLN A 157 7.27 -0.45 17.23
C GLN A 157 7.44 1.04 17.51
N LEU A 158 6.39 1.82 17.28
CA LEU A 158 6.39 3.27 17.42
C LEU A 158 5.28 3.58 18.39
N GLU A 159 5.43 4.68 19.09
CA GLU A 159 4.37 5.22 19.92
C GLU A 159 4.03 6.58 19.31
N LEU A 160 2.76 6.74 19.00
CA LEU A 160 2.22 8.00 18.46
C LEU A 160 1.42 8.59 19.62
N GLU A 161 1.71 9.83 19.95
CA GLU A 161 1.04 10.51 21.07
C GLU A 161 0.34 11.75 20.53
N ASN A 162 -0.93 11.86 20.88
CA ASN A 162 -1.76 13.04 20.54
C ASN A 162 -1.46 14.07 21.61
N LEU A 163 -0.66 15.08 21.31
CA LEU A 163 -0.21 16.04 22.35
C LEU A 163 -1.42 16.82 22.87
N THR A 164 -2.50 16.88 22.10
CA THR A 164 -3.71 17.68 22.41
C THR A 164 -4.47 16.98 23.54
N THR A 165 -4.52 15.65 23.55
CA THR A 165 -5.36 14.84 24.47
C THR A 165 -4.51 13.90 25.31
N GLN A 166 -3.22 13.78 25.02
CA GLN A 166 -2.27 12.87 25.68
C GLN A 166 -2.66 11.40 25.55
N GLU A 167 -3.57 11.03 24.64
CA GLU A 167 -3.75 9.59 24.25
C GLU A 167 -2.51 9.09 23.49
N THR A 168 -2.21 7.82 23.59
CA THR A 168 -1.07 7.25 22.88
C THR A 168 -1.55 5.97 22.22
N ARG A 169 -0.94 5.61 21.11
CA ARG A 169 -1.18 4.31 20.49
C ARG A 169 0.13 3.76 20.00
N GLU A 170 0.15 2.46 19.90
CA GLU A 170 1.26 1.75 19.33
C GLU A 170 0.97 1.55 17.84
N ILE A 171 1.91 1.94 16.99
CA ILE A 171 1.91 1.70 15.54
C ILE A 171 3.03 0.74 15.18
N LEU A 172 2.75 -0.24 14.34
CA LEU A 172 3.78 -1.11 13.76
C LEU A 172 4.19 -0.58 12.37
N HIS A 173 5.47 -0.42 12.15
CA HIS A 173 6.07 -0.04 10.86
C HIS A 173 6.69 -1.27 10.26
N PHE A 174 6.16 -1.73 9.14
CA PHE A 174 6.66 -2.87 8.39
C PHE A 174 7.36 -2.33 7.15
N HIS A 175 8.68 -2.50 7.10
CA HIS A 175 9.54 -1.88 6.07
C HIS A 175 10.17 -3.00 5.29
N TYR A 176 9.70 -3.25 4.07
CA TYR A 176 10.35 -4.23 3.17
C TYR A 176 11.54 -3.51 2.54
N THR A 177 12.76 -3.98 2.76
CA THR A 177 14.01 -3.19 2.52
C THR A 177 14.75 -3.70 1.27
N THR A 178 14.24 -4.73 0.60
CA THR A 178 15.02 -5.53 -0.37
C THR A 178 14.31 -5.57 -1.72
N TRP A 179 13.33 -4.72 -1.95
CA TRP A 179 12.80 -4.62 -3.33
C TRP A 179 13.92 -4.01 -4.20
N PRO A 180 14.34 -4.63 -5.33
CA PRO A 180 15.42 -4.06 -6.13
C PRO A 180 15.08 -2.71 -6.80
N ASP A 181 16.13 -1.90 -7.02
CA ASP A 181 16.04 -0.55 -7.64
C ASP A 181 15.32 -0.68 -8.98
N PHE A 182 15.60 -1.73 -9.74
CA PHE A 182 14.97 -1.99 -11.06
C PHE A 182 14.27 -3.36 -11.05
N GLY A 183 13.11 -3.41 -11.69
CA GLY A 183 12.39 -4.68 -11.90
C GLY A 183 11.76 -5.17 -10.61
N VAL A 184 11.64 -6.48 -10.44
CA VAL A 184 10.83 -7.07 -9.33
C VAL A 184 11.69 -8.14 -8.73
N PRO A 185 11.47 -8.62 -7.49
CA PRO A 185 12.25 -9.75 -6.97
C PRO A 185 12.11 -10.96 -7.90
N GLU A 186 13.16 -11.80 -7.93
CA GLU A 186 13.23 -12.99 -8.82
C GLU A 186 12.20 -14.01 -8.32
N SER A 187 12.22 -14.28 -7.01
CA SER A 187 11.25 -15.15 -6.30
C SER A 187 10.34 -14.30 -5.40
N PRO A 188 9.03 -14.60 -5.30
CA PRO A 188 8.16 -13.96 -4.32
C PRO A 188 8.23 -14.47 -2.88
N ALA A 189 9.16 -15.38 -2.55
CA ALA A 189 9.19 -16.00 -1.23
C ALA A 189 9.27 -14.92 -0.16
N SER A 190 10.19 -13.96 -0.24
CA SER A 190 10.46 -13.08 0.93
C SER A 190 9.31 -12.06 1.08
N PHE A 191 8.76 -11.62 -0.05
CA PHE A 191 7.55 -10.76 -0.10
C PHE A 191 6.37 -11.46 0.58
N LEU A 192 6.17 -12.76 0.31
CA LEU A 192 5.07 -13.54 0.90
C LEU A 192 5.31 -13.63 2.38
N ASN A 193 6.53 -13.91 2.81
CA ASN A 193 6.88 -13.98 4.26
C ASN A 193 6.62 -12.61 4.90
N PHE A 194 6.75 -11.54 4.12
CA PHE A 194 6.47 -10.14 4.53
C PHE A 194 4.97 -9.97 4.81
N LEU A 195 4.13 -10.30 3.82
CA LEU A 195 2.64 -10.24 3.94
C LEU A 195 2.21 -11.02 5.20
N PHE A 196 2.58 -12.30 5.29
CA PHE A 196 2.17 -13.18 6.41
C PHE A 196 2.51 -12.49 7.74
N LYS A 197 3.65 -11.80 7.80
N LYS A 197 3.67 -11.82 7.76
CA LYS A 197 4.09 -11.07 9.02
CA LYS A 197 4.13 -11.06 8.95
C LYS A 197 3.06 -9.98 9.32
C LYS A 197 3.08 -10.01 9.28
N VAL A 198 2.74 -9.15 8.33
CA VAL A 198 1.75 -8.04 8.47
C VAL A 198 0.42 -8.65 8.95
N ARG A 199 0.06 -9.83 8.45
CA ARG A 199 -1.22 -10.51 8.77
C ARG A 199 -1.23 -10.94 10.23
N GLU A 200 -0.15 -11.58 10.69
CA GLU A 200 -0.05 -12.18 12.05
C GLU A 200 -0.01 -11.07 13.12
N SER A 201 0.38 -9.86 12.74
CA SER A 201 0.45 -8.69 13.65
C SER A 201 -0.95 -8.20 14.00
N GLY A 202 -1.97 -8.59 13.22
CA GLY A 202 -3.33 -8.05 13.40
C GLY A 202 -3.57 -6.71 12.72
N SER A 203 -2.59 -6.18 11.98
CA SER A 203 -2.69 -4.86 11.33
C SER A 203 -3.73 -4.81 10.18
N LEU A 204 -4.08 -5.96 9.59
CA LEU A 204 -5.04 -6.04 8.47
C LEU A 204 -6.39 -6.50 8.97
N SER A 205 -6.60 -6.53 10.27
CA SER A 205 -7.83 -7.09 10.86
C SER A 205 -8.93 -6.04 11.04
N PRO A 206 -10.21 -6.44 10.97
CA PRO A 206 -11.33 -5.50 11.02
C PRO A 206 -11.44 -4.71 12.33
N GLU A 207 -10.82 -5.19 13.40
N GLU A 207 -10.77 -5.21 13.42
CA GLU A 207 -10.82 -4.50 14.72
CA GLU A 207 -10.77 -4.55 14.76
C GLU A 207 -10.16 -3.12 14.54
C GLU A 207 -9.86 -3.30 14.75
N HIS A 208 -9.18 -3.02 13.63
CA HIS A 208 -8.36 -1.77 13.49
C HIS A 208 -8.85 -1.01 12.26
N GLY A 209 -8.52 0.28 12.19
CA GLY A 209 -8.63 1.09 10.98
C GLY A 209 -7.80 0.46 9.88
N PRO A 210 -7.94 0.92 8.65
CA PRO A 210 -7.18 0.33 7.56
C PRO A 210 -5.67 0.58 7.69
N VAL A 211 -4.94 -0.42 7.28
CA VAL A 211 -3.49 -0.34 7.12
C VAL A 211 -3.16 0.78 6.12
N VAL A 212 -2.07 1.50 6.37
CA VAL A 212 -1.50 2.48 5.43
C VAL A 212 -0.39 1.84 4.67
N VAL A 213 -0.47 1.82 3.34
CA VAL A 213 0.53 1.20 2.45
C VAL A 213 1.07 2.32 1.55
N HIS A 214 2.38 2.36 1.27
CA HIS A 214 2.97 3.29 0.25
C HIS A 214 4.27 2.75 -0.33
N CYS A 215 4.87 3.45 -1.30
CA CYS A 215 6.20 3.10 -1.89
C CYS A 215 6.70 4.12 -2.93
N SER A 216 6.87 5.38 -2.51
CA SER A 216 7.48 6.48 -3.31
C SER A 216 6.46 7.04 -4.32
N ALA A 217 6.74 6.90 -5.64
CA ALA A 217 5.93 7.48 -6.74
C ALA A 217 6.41 6.95 -8.09
N GLY A 218 5.55 6.23 -8.81
CA GLY A 218 5.87 5.61 -10.10
C GLY A 218 6.04 4.11 -9.93
N ILE A 219 7.20 3.57 -10.29
CA ILE A 219 7.53 2.11 -10.20
C ILE A 219 6.23 1.31 -10.16
N GLY A 220 5.53 1.29 -9.02
CA GLY A 220 4.23 0.61 -8.82
C GLY A 220 4.09 0.04 -7.41
N ARG A 221 4.75 -1.09 -7.14
CA ARG A 221 4.72 -1.82 -5.85
C ARG A 221 3.32 -1.68 -5.24
N SER A 222 3.22 -1.39 -3.93
CA SER A 222 1.98 -1.13 -3.14
C SER A 222 0.79 -1.91 -3.71
N GLY A 223 0.34 -1.57 -4.92
CA GLY A 223 -0.66 -2.34 -5.64
C GLY A 223 -0.45 -3.81 -5.48
N THR A 224 0.79 -4.27 -5.62
N THR A 224 0.80 -4.28 -5.61
CA THR A 224 1.12 -5.71 -5.58
CA THR A 224 1.12 -5.73 -5.58
C THR A 224 0.77 -6.25 -4.18
C THR A 224 0.78 -6.26 -4.18
N PHE A 225 1.04 -5.46 -3.15
CA PHE A 225 0.84 -5.87 -1.77
C PHE A 225 -0.66 -6.17 -1.56
N CYS A 226 -1.56 -5.22 -1.86
N CYS A 226 -1.51 -5.18 -1.88
CA CYS A 226 -2.99 -5.42 -1.52
CA CYS A 226 -2.98 -5.26 -1.65
C CYS A 226 -3.69 -6.30 -2.57
C CYS A 226 -3.56 -6.37 -2.54
N LEU A 227 -3.17 -6.39 -3.80
CA LEU A 227 -3.68 -7.36 -4.78
C LEU A 227 -3.40 -8.81 -4.29
N ALA A 228 -2.19 -9.11 -3.85
CA ALA A 228 -1.87 -10.46 -3.34
C ALA A 228 -2.68 -10.74 -2.08
N ASP A 229 -2.73 -9.81 -1.13
CA ASP A 229 -3.43 -10.07 0.14
C ASP A 229 -4.89 -10.45 -0.21
N THR A 230 -5.58 -9.62 -0.98
CA THR A 230 -7.01 -9.75 -1.30
C THR A 230 -7.22 -11.07 -2.04
N CYS A 231 -6.47 -11.33 -3.08
CA CYS A 231 -6.62 -12.59 -3.86
C CYS A 231 -6.47 -13.83 -2.95
N LEU A 232 -5.50 -13.86 -2.05
CA LEU A 232 -5.32 -15.04 -1.17
C LEU A 232 -6.51 -15.20 -0.24
N LEU A 233 -7.00 -14.12 0.37
CA LEU A 233 -8.11 -14.22 1.35
C LEU A 233 -9.39 -14.69 0.66
N LEU A 234 -9.61 -14.31 -0.59
CA LEU A 234 -10.83 -14.67 -1.36
C LEU A 234 -10.83 -16.19 -1.64
N MET A 235 -9.64 -16.80 -1.71
CA MET A 235 -9.46 -18.26 -1.89
C MET A 235 -9.85 -19.00 -0.59
N ASP A 236 -9.74 -18.32 0.56
CA ASP A 236 -10.18 -18.85 1.88
C ASP A 236 -11.71 -18.79 1.99
N LYS A 237 -12.38 -18.04 1.11
N LYS A 237 -12.37 -18.06 1.10
CA LYS A 237 -13.82 -17.74 1.22
CA LYS A 237 -13.82 -17.76 1.22
C LYS A 237 -14.61 -18.51 0.14
C LYS A 237 -14.61 -18.51 0.14
N ARG A 238 -14.10 -18.60 -1.08
CA ARG A 238 -14.85 -19.17 -2.24
C ARG A 238 -14.92 -20.69 -2.13
N LYS A 239 -16.13 -21.25 -2.37
CA LYS A 239 -16.36 -22.72 -2.48
C LYS A 239 -15.39 -23.25 -3.53
N ASP A 240 -15.19 -22.49 -4.59
CA ASP A 240 -14.23 -22.80 -5.66
C ASP A 240 -13.14 -21.75 -5.67
N PRO A 241 -11.99 -21.99 -5.01
CA PRO A 241 -10.83 -21.08 -5.06
C PRO A 241 -10.32 -20.62 -6.44
N SER A 242 -10.62 -21.35 -7.51
CA SER A 242 -10.14 -21.08 -8.88
C SER A 242 -11.12 -20.16 -9.60
N SER A 243 -12.28 -19.84 -9.04
CA SER A 243 -13.14 -18.74 -9.57
C SER A 243 -12.45 -17.36 -9.43
N VAL A 244 -11.31 -17.27 -8.76
CA VAL A 244 -10.71 -15.95 -8.39
C VAL A 244 -9.90 -15.48 -9.58
N ASP A 245 -10.31 -14.39 -10.22
CA ASP A 245 -9.60 -13.85 -11.38
C ASP A 245 -8.83 -12.57 -10.94
N ILE A 246 -7.51 -12.64 -10.96
N ILE A 246 -7.50 -12.65 -10.94
CA ILE A 246 -6.60 -11.54 -10.52
CA ILE A 246 -6.60 -11.53 -10.56
C ILE A 246 -6.85 -10.27 -11.35
C ILE A 246 -7.00 -10.26 -11.32
N LYS A 247 -7.24 -10.39 -12.63
CA LYS A 247 -7.53 -9.24 -13.52
C LYS A 247 -8.79 -8.54 -13.03
N LYS A 248 -9.79 -9.32 -12.63
CA LYS A 248 -11.05 -8.74 -12.12
C LYS A 248 -10.77 -8.03 -10.80
N VAL A 249 -10.00 -8.66 -9.93
CA VAL A 249 -9.71 -8.04 -8.62
C VAL A 249 -8.95 -6.74 -8.87
N LEU A 250 -7.99 -6.73 -9.78
CA LEU A 250 -7.18 -5.53 -10.02
C LEU A 250 -8.12 -4.42 -10.51
N LEU A 251 -9.05 -4.76 -11.38
CA LEU A 251 -9.96 -3.74 -11.95
C LEU A 251 -10.87 -3.18 -10.89
N GLU A 252 -11.37 -4.01 -9.97
N GLU A 252 -11.32 -4.00 -9.94
CA GLU A 252 -12.22 -3.53 -8.84
CA GLU A 252 -12.11 -3.50 -8.78
C GLU A 252 -11.39 -2.56 -7.99
C GLU A 252 -11.28 -2.47 -8.02
N MET A 253 -10.13 -2.91 -7.72
N MET A 253 -10.07 -2.83 -7.57
CA MET A 253 -9.23 -2.09 -6.89
CA MET A 253 -9.21 -1.90 -6.80
C MET A 253 -8.98 -0.77 -7.62
C MET A 253 -9.00 -0.64 -7.61
N ARG A 254 -8.87 -0.82 -8.94
CA ARG A 254 -8.57 0.32 -9.85
C ARG A 254 -9.73 1.33 -9.83
N LYS A 255 -10.89 0.95 -9.29
CA LYS A 255 -12.03 1.90 -9.13
C LYS A 255 -11.71 2.93 -8.02
N PHE A 256 -10.76 2.58 -7.11
CA PHE A 256 -10.52 3.35 -5.89
C PHE A 256 -9.26 4.21 -6.03
N ARG A 257 -8.28 3.75 -6.76
CA ARG A 257 -7.04 4.52 -6.97
C ARG A 257 -6.44 4.12 -8.30
N MET A 258 -5.91 5.10 -9.04
CA MET A 258 -5.13 4.90 -10.28
C MET A 258 -3.69 4.51 -9.90
N GLY A 259 -2.95 3.86 -10.80
CA GLY A 259 -1.48 3.67 -10.69
C GLY A 259 -1.09 2.53 -9.76
N LEU A 260 -1.75 1.39 -9.86
CA LEU A 260 -1.26 0.11 -9.28
C LEU A 260 -0.50 -0.63 -10.39
N ILE A 261 0.29 -1.65 -10.03
CA ILE A 261 0.84 -2.64 -11.01
C ILE A 261 1.64 -1.96 -12.12
N GLN A 262 1.63 -0.63 -12.20
CA GLN A 262 2.33 0.21 -13.21
C GLN A 262 2.91 -0.58 -14.39
N THR A 263 3.67 -1.66 -14.18
CA THR A 263 4.36 -2.33 -15.30
C THR A 263 3.85 -3.77 -15.47
N ALA A 264 4.07 -4.35 -16.67
CA ALA A 264 3.72 -5.77 -16.98
C ALA A 264 4.51 -6.74 -16.10
N ASP A 265 5.70 -6.33 -15.68
CA ASP A 265 6.56 -7.10 -14.78
C ASP A 265 5.92 -7.22 -13.40
N GLN A 266 5.38 -6.11 -12.91
CA GLN A 266 4.68 -6.09 -11.61
C GLN A 266 3.44 -7.01 -11.73
N LEU A 267 2.69 -6.94 -12.83
CA LEU A 267 1.53 -7.82 -13.08
C LEU A 267 2.00 -9.27 -12.98
N ARG A 268 3.04 -9.62 -13.74
CA ARG A 268 3.59 -10.99 -13.73
C ARG A 268 3.94 -11.40 -12.29
N PHE A 269 4.69 -10.56 -11.59
CA PHE A 269 5.10 -10.83 -10.18
C PHE A 269 3.87 -11.08 -9.30
N SER A 270 2.79 -10.31 -9.50
CA SER A 270 1.54 -10.43 -8.69
C SER A 270 0.93 -11.81 -8.93
N TYR A 271 0.79 -12.22 -10.19
CA TYR A 271 0.36 -13.62 -10.49
C TYR A 271 1.22 -14.63 -9.72
N LEU A 272 2.54 -14.54 -9.90
N LEU A 272 2.54 -14.53 -9.88
CA LEU A 272 3.56 -15.43 -9.27
CA LEU A 272 3.52 -15.46 -9.25
C LEU A 272 3.37 -15.43 -7.74
C LEU A 272 3.38 -15.45 -7.73
N ALA A 273 3.18 -14.27 -7.12
CA ALA A 273 3.00 -14.17 -5.66
C ALA A 273 1.72 -14.90 -5.24
N VAL A 274 0.61 -14.70 -5.98
CA VAL A 274 -0.69 -15.33 -5.60
C VAL A 274 -0.55 -16.85 -5.79
N ILE A 275 -0.01 -17.26 -6.96
CA ILE A 275 0.16 -18.70 -7.31
C ILE A 275 0.95 -19.39 -6.22
N GLU A 276 2.10 -18.82 -5.82
CA GLU A 276 3.01 -19.43 -4.80
C GLU A 276 2.41 -19.28 -3.40
N GLY A 277 1.60 -18.25 -3.15
CA GLY A 277 0.94 -18.09 -1.83
C GLY A 277 -0.14 -19.15 -1.58
N ALA A 278 -0.90 -19.44 -2.63
CA ALA A 278 -1.94 -20.49 -2.74
C ALA A 278 -1.38 -21.85 -2.30
N LYS A 279 -0.35 -22.30 -3.03
CA LYS A 279 0.33 -23.61 -2.89
C LYS A 279 0.86 -23.75 -1.46
N PHE A 280 1.28 -22.64 -0.86
CA PHE A 280 1.81 -22.60 0.53
C PHE A 280 0.66 -22.87 1.51
N ILE A 281 -0.52 -22.29 1.27
CA ILE A 281 -1.72 -22.43 2.15
C ILE A 281 -2.51 -23.65 1.67
N MET A 282 -2.70 -23.77 0.34
CA MET A 282 -3.50 -24.80 -0.38
C MET A 282 -2.58 -25.52 -1.37
C TRS B . -18.00 6.24 -3.03
C1 TRS B . -18.80 5.95 -1.76
C2 TRS B . -16.79 5.30 -3.17
C3 TRS B . -17.59 7.71 -3.11
N TRS B . -18.89 5.98 -4.21
O1 TRS B . -19.19 4.57 -1.70
O2 TRS B . -15.70 5.58 -2.30
O3 TRS B . -17.87 8.47 -1.97
H11 TRS B . -19.61 6.51 -1.75
H12 TRS B . -18.27 6.16 -0.97
H21 TRS B . -16.46 5.35 -4.09
H22 TRS B . -17.08 4.39 -3.01
H31 TRS B . -18.03 8.12 -3.88
H32 TRS B . -16.63 7.75 -3.28
HN1 TRS B . -19.16 6.76 -4.61
HN2 TRS B . -19.64 5.53 -3.95
HN3 TRS B . -18.47 5.48 -4.84
HO1 TRS B . -19.64 4.43 -1.00
HO2 TRS B . -15.09 5.06 -2.43
HO3 TRS B . -18.73 8.68 -1.99
N1 WV0 C . -15.56 -13.75 8.02
C4 WV0 C . -14.09 -11.99 9.02
C5 WV0 C . -13.11 -11.06 8.72
C6 WV0 C . -12.65 -10.94 7.44
C7 WV0 C . -13.12 -11.72 6.39
C8 WV0 C . -14.11 -12.63 6.69
C1 WV0 C . -14.82 -13.59 5.85
C2 WV0 C . -15.76 -14.29 6.80
C3 WV0 C . -14.57 -12.76 7.99
F1 WV0 C . -11.68 -10.02 7.18
O2 WV0 C . -16.55 -15.17 6.52
H3 WV0 C . -15.97 -14.01 8.74
H4 WV0 C . -14.42 -12.08 9.89
H5 WV0 C . -12.75 -10.52 9.40
H6 WV0 C . -12.79 -11.61 5.51
N1 WV0 D . 9.08 -8.14 15.02
C4 WV0 D . 7.43 -6.77 16.36
C5 WV0 D . 6.09 -6.60 16.63
C6 WV0 D . 5.17 -7.41 16.01
C7 WV0 D . 5.51 -8.40 15.12
C8 WV0 D . 6.85 -8.58 14.86
C1 WV0 D . 7.55 -9.51 13.98
C2 WV0 D . 9.01 -9.18 14.17
C3 WV0 D . 7.80 -7.76 15.47
F1 WV0 D . 3.83 -7.24 16.30
O2 WV0 D . 9.95 -9.73 13.63
H3 WV0 D . 9.83 -7.74 15.26
H4 WV0 D . 8.08 -6.23 16.76
H5 WV0 D . 5.80 -5.94 17.23
H6 WV0 D . 4.86 -8.95 14.71
#